data_1AC9
#
_entry.id   1AC9
#
_cell.length_a   1.000
_cell.length_b   1.000
_cell.length_c   1.000
_cell.angle_alpha   90.00
_cell.angle_beta   90.00
_cell.angle_gamma   90.00
#
_symmetry.space_group_name_H-M   'P 1'
#
_entity_poly.entity_id   1
_entity_poly.type   'polydeoxyribonucleotide'
_entity_poly.pdbx_seq_one_letter_code
;(DC)(DT)(DG)(LGP)(DA)(DT)(DC)(DC)(DA)(DG)
;
_entity_poly.pdbx_strand_id   A,B
#